data_8JBT
#
_entry.id   8JBT
#
_cell.length_a   123.485
_cell.length_b   123.485
_cell.length_c   73.105
_cell.angle_alpha   90.00
_cell.angle_beta   90.00
_cell.angle_gamma   120.00
#
_symmetry.space_group_name_H-M   'P 31 2 1'
#
loop_
_entity.id
_entity.type
_entity.pdbx_description
1 polymer 'Putative cobalamin binding protein'
2 non-polymer COBALAMIN
3 non-polymer 2-AMINO-2-HYDROXYMETHYL-PROPANE-1,3-DIOL
4 non-polymer 'HEXAETHYLENE GLYCOL'
5 non-polymer 'TETRAETHYLENE GLYCOL'
6 non-polymer GLYCEROL
7 water water
#
_entity_poly.entity_id   1
_entity_poly.type   'polypeptide(L)'
_entity_poly.pdbx_seq_one_letter_code
;MPRSKHTIQPVTTAQQTYSTAEVARMWAVSESSVKRWSDSGALSCIRTPGGHRRFTLQALLDFQRAGGVLRHGGQPGSGA
VSVVSDGAAAVTASLDQALVARDWAALQARYYEAAVAGDELAGVALLERAYRSGIPVVALKEHVLTPVLHLIGERWRRGE
LNIWEEHLASQVTLAATEHLHRQLPRAPFNGRLALCGCPEGDLHEIALHLVMEVLEVEGWRVLSLGPNTPLFSFADAVRR
FSPQLVCISATIVHDLERLRRDYGDFYHTVRQHGARIVIGGAAFADPQVREIFIHDYQAAGLTDFLDYLRREFPTPAVAT
GHHHHHH
;
_entity_poly.pdbx_strand_id   A,B
#
loop_
_chem_comp.id
_chem_comp.type
_chem_comp.name
_chem_comp.formula
B12 non-polymer COBALAMIN 'C62 H89 Co N13 O14 P 2'
GOL non-polymer GLYCEROL 'C3 H8 O3'
P6G non-polymer 'HEXAETHYLENE GLYCOL' 'C12 H26 O7'
PG4 non-polymer 'TETRAETHYLENE GLYCOL' 'C8 H18 O5'
TRS non-polymer 2-AMINO-2-HYDROXYMETHYL-PROPANE-1,3-DIOL 'C4 H12 N O3 1'
#
# COMPACT_ATOMS: atom_id res chain seq x y z
N ALA A 89 -6.88 -31.26 5.30
CA ALA A 89 -6.42 -32.52 4.73
C ALA A 89 -7.27 -32.93 3.53
N ALA A 90 -8.59 -32.99 3.74
CA ALA A 90 -9.55 -33.23 2.67
C ALA A 90 -9.52 -32.10 1.64
N VAL A 91 -9.31 -30.87 2.12
CA VAL A 91 -9.24 -29.69 1.27
C VAL A 91 -7.94 -29.70 0.46
N THR A 92 -6.86 -30.21 1.09
CA THR A 92 -5.56 -30.33 0.45
C THR A 92 -5.60 -31.30 -0.73
N ALA A 93 -6.19 -32.48 -0.52
CA ALA A 93 -6.30 -33.49 -1.56
C ALA A 93 -7.10 -32.98 -2.76
N SER A 94 -8.18 -32.23 -2.48
CA SER A 94 -8.97 -31.56 -3.51
C SER A 94 -8.18 -30.50 -4.27
N LEU A 95 -7.36 -29.74 -3.55
CA LEU A 95 -6.52 -28.70 -4.13
C LEU A 95 -5.42 -29.29 -5.01
N ASP A 96 -4.81 -30.41 -4.60
CA ASP A 96 -3.80 -31.06 -5.40
C ASP A 96 -4.38 -31.74 -6.64
N GLN A 97 -5.60 -32.28 -6.50
CA GLN A 97 -6.33 -32.82 -7.63
C GLN A 97 -6.57 -31.73 -8.67
N ALA A 98 -6.88 -30.51 -8.21
CA ALA A 98 -7.12 -29.38 -9.10
C ALA A 98 -5.84 -28.90 -9.78
N LEU A 99 -4.73 -28.93 -9.04
CA LEU A 99 -3.43 -28.52 -9.57
C LEU A 99 -2.89 -29.48 -10.61
N VAL A 100 -3.06 -30.79 -10.38
CA VAL A 100 -2.65 -31.80 -11.34
C VAL A 100 -3.51 -31.73 -12.60
N ALA A 101 -4.80 -31.41 -12.42
CA ALA A 101 -5.74 -31.31 -13.52
C ALA A 101 -5.67 -29.98 -14.27
N ARG A 102 -4.89 -29.02 -13.73
CA ARG A 102 -4.79 -27.69 -14.30
C ARG A 102 -6.18 -27.07 -14.43
N ASP A 103 -7.01 -27.37 -13.43
CA ASP A 103 -8.42 -26.97 -13.40
C ASP A 103 -8.53 -25.55 -12.83
N TRP A 104 -8.58 -24.57 -13.73
CA TRP A 104 -8.53 -23.16 -13.38
C TRP A 104 -9.73 -22.76 -12.54
N ALA A 105 -10.89 -23.34 -12.84
CA ALA A 105 -12.12 -23.05 -12.13
C ALA A 105 -12.01 -23.41 -10.65
N ALA A 106 -11.46 -24.61 -10.38
CA ALA A 106 -11.24 -25.06 -9.01
C ALA A 106 -10.26 -24.16 -8.27
N LEU A 107 -9.18 -23.77 -8.96
CA LEU A 107 -8.15 -22.92 -8.37
C LEU A 107 -8.68 -21.53 -8.07
N GLN A 108 -9.46 -20.97 -9.00
CA GLN A 108 -10.11 -19.69 -8.81
C GLN A 108 -11.04 -19.68 -7.61
N ALA A 109 -11.80 -20.78 -7.44
CA ALA A 109 -12.75 -20.91 -6.35
C ALA A 109 -12.06 -20.95 -4.99
N ARG A 110 -10.96 -21.72 -4.90
CA ARG A 110 -10.17 -21.79 -3.69
C ARG A 110 -9.57 -20.43 -3.36
N TYR A 111 -9.03 -19.76 -4.38
CA TYR A 111 -8.39 -18.47 -4.19
C TYR A 111 -9.42 -17.39 -3.82
N TYR A 112 -10.56 -17.40 -4.52
CA TYR A 112 -11.65 -16.49 -4.22
C TYR A 112 -11.99 -16.51 -2.73
N GLU A 113 -12.19 -17.72 -2.18
CA GLU A 113 -12.57 -17.90 -0.80
C GLU A 113 -11.56 -17.32 0.19
N ALA A 114 -10.27 -17.56 -0.09
CA ALA A 114 -9.20 -17.04 0.73
C ALA A 114 -9.13 -15.51 0.66
N ALA A 115 -9.30 -14.98 -0.56
CA ALA A 115 -9.22 -13.55 -0.81
C ALA A 115 -10.33 -12.77 -0.09
N VAL A 116 -11.58 -13.18 -0.29
CA VAL A 116 -12.72 -12.44 0.25
C VAL A 116 -12.81 -12.56 1.77
N ALA A 117 -12.26 -13.64 2.33
CA ALA A 117 -12.19 -13.82 3.77
C ALA A 117 -11.05 -13.02 4.40
N GLY A 118 -10.15 -12.50 3.57
CA GLY A 118 -9.00 -11.74 4.04
C GLY A 118 -7.92 -12.62 4.66
N ASP A 119 -7.91 -13.90 4.25
CA ASP A 119 -6.94 -14.86 4.77
C ASP A 119 -5.68 -14.79 3.93
N GLU A 120 -4.76 -13.92 4.33
CA GLU A 120 -3.54 -13.67 3.58
C GLU A 120 -2.71 -14.93 3.41
N LEU A 121 -2.49 -15.64 4.52
CA LEU A 121 -1.62 -16.81 4.54
C LEU A 121 -2.14 -17.95 3.66
N ALA A 122 -3.46 -18.16 3.67
CA ALA A 122 -4.07 -19.15 2.79
C ALA A 122 -3.88 -18.75 1.33
N GLY A 123 -4.03 -17.45 1.05
CA GLY A 123 -3.78 -16.91 -0.29
C GLY A 123 -2.32 -17.06 -0.72
N VAL A 124 -1.39 -16.72 0.20
CA VAL A 124 0.03 -16.85 -0.05
C VAL A 124 0.39 -18.30 -0.37
N ALA A 125 -0.05 -19.22 0.50
CA ALA A 125 0.28 -20.63 0.38
C ALA A 125 -0.31 -21.26 -0.88
N LEU A 126 -1.56 -20.88 -1.20
CA LEU A 126 -2.24 -21.40 -2.38
C LEU A 126 -1.49 -21.02 -3.65
N LEU A 127 -1.08 -19.75 -3.75
CA LEU A 127 -0.42 -19.23 -4.92
C LEU A 127 0.97 -19.84 -5.10
N GLU A 128 1.67 -20.07 -3.98
CA GLU A 128 3.00 -20.67 -4.02
C GLU A 128 2.93 -22.15 -4.42
N ARG A 129 1.97 -22.86 -3.83
CA ARG A 129 1.73 -24.25 -4.16
C ARG A 129 1.43 -24.43 -5.64
N ALA A 130 0.56 -23.56 -6.16
CA ALA A 130 0.20 -23.56 -7.57
C ALA A 130 1.40 -23.29 -8.47
N TYR A 131 2.25 -22.35 -8.08
CA TYR A 131 3.48 -22.06 -8.81
C TYR A 131 4.40 -23.26 -8.87
N ARG A 132 4.59 -23.93 -7.72
CA ARG A 132 5.50 -25.06 -7.61
C ARG A 132 4.98 -26.31 -8.32
N SER A 133 3.68 -26.32 -8.67
CA SER A 133 3.13 -27.36 -9.53
C SER A 133 3.43 -27.12 -11.01
N GLY A 134 4.07 -25.98 -11.32
CA GLY A 134 4.57 -25.71 -12.66
C GLY A 134 3.79 -24.64 -13.44
N ILE A 135 3.04 -23.80 -12.72
CA ILE A 135 2.31 -22.70 -13.32
C ILE A 135 3.13 -21.42 -13.18
N PRO A 136 3.60 -20.80 -14.29
CA PRO A 136 4.32 -19.53 -14.18
C PRO A 136 3.51 -18.43 -13.48
N VAL A 137 4.20 -17.44 -12.92
CA VAL A 137 3.58 -16.36 -12.18
C VAL A 137 2.60 -15.58 -13.06
N VAL A 138 3.01 -15.29 -14.30
CA VAL A 138 2.18 -14.54 -15.23
C VAL A 138 0.85 -15.27 -15.48
N ALA A 139 0.92 -16.60 -15.63
CA ALA A 139 -0.26 -17.41 -15.83
C ALA A 139 -1.19 -17.37 -14.62
N LEU A 140 -0.60 -17.41 -13.42
CA LEU A 140 -1.35 -17.28 -12.17
C LEU A 140 -2.05 -15.93 -12.09
N LYS A 141 -1.32 -14.86 -12.48
CA LYS A 141 -1.88 -13.52 -12.49
C LYS A 141 -3.03 -13.41 -13.49
N GLU A 142 -2.81 -13.90 -14.71
CA GLU A 142 -3.78 -13.74 -15.78
C GLU A 142 -5.01 -14.64 -15.63
N HIS A 143 -4.81 -15.89 -15.19
CA HIS A 143 -5.87 -16.89 -15.23
C HIS A 143 -6.41 -17.33 -13.86
N VAL A 144 -5.88 -16.76 -12.77
CA VAL A 144 -6.42 -17.01 -11.44
C VAL A 144 -6.82 -15.69 -10.78
N LEU A 145 -5.84 -14.80 -10.57
CA LEU A 145 -6.05 -13.57 -9.83
C LEU A 145 -7.03 -12.63 -10.53
N THR A 146 -6.83 -12.41 -11.83
CA THR A 146 -7.62 -11.44 -12.58
C THR A 146 -9.09 -11.87 -12.67
N PRO A 147 -9.40 -13.10 -13.15
CA PRO A 147 -10.79 -13.56 -13.19
C PRO A 147 -11.51 -13.48 -11.85
N VAL A 148 -10.81 -13.88 -10.78
CA VAL A 148 -11.37 -13.85 -9.43
C VAL A 148 -11.75 -12.43 -9.04
N LEU A 149 -10.83 -11.49 -9.23
CA LEU A 149 -11.05 -10.10 -8.85
C LEU A 149 -12.17 -9.47 -9.69
N HIS A 150 -12.26 -9.84 -10.97
CA HIS A 150 -13.37 -9.40 -11.80
C HIS A 150 -14.71 -9.89 -11.24
N LEU A 151 -14.77 -11.17 -10.87
CA LEU A 151 -15.97 -11.76 -10.30
C LEU A 151 -16.35 -11.12 -8.99
N ILE A 152 -15.35 -10.81 -8.15
CA ILE A 152 -15.58 -10.13 -6.87
C ILE A 152 -16.28 -8.79 -7.10
N GLY A 153 -15.79 -8.04 -8.09
CA GLY A 153 -16.37 -6.76 -8.44
C GLY A 153 -17.83 -6.85 -8.86
N GLU A 154 -18.15 -7.87 -9.68
CA GLU A 154 -19.52 -8.11 -10.12
C GLU A 154 -20.44 -8.41 -8.93
N ARG A 155 -19.93 -9.16 -7.95
CA ARG A 155 -20.71 -9.55 -6.79
C ARG A 155 -20.90 -8.40 -5.80
N TRP A 156 -19.84 -7.59 -5.63
CA TRP A 156 -19.97 -6.36 -4.86
C TRP A 156 -21.07 -5.48 -5.44
N ARG A 157 -21.05 -5.30 -6.76
CA ARG A 157 -21.96 -4.40 -7.43
C ARG A 157 -23.42 -4.80 -7.24
N ARG A 158 -23.66 -6.11 -7.13
CA ARG A 158 -25.00 -6.64 -6.86
C ARG A 158 -25.35 -6.68 -5.38
N GLY A 159 -24.38 -6.29 -4.51
CA GLY A 159 -24.60 -6.27 -3.08
C GLY A 159 -24.42 -7.62 -2.39
N GLU A 160 -23.85 -8.59 -3.12
CA GLU A 160 -23.55 -9.90 -2.57
C GLU A 160 -22.27 -9.83 -1.74
N LEU A 161 -21.44 -8.81 -1.99
CA LEU A 161 -20.30 -8.49 -1.16
C LEU A 161 -20.36 -7.01 -0.75
N ASN A 162 -19.75 -6.71 0.40
CA ASN A 162 -19.56 -5.34 0.85
C ASN A 162 -18.19 -4.85 0.40
N ILE A 163 -18.01 -3.52 0.37
CA ILE A 163 -16.84 -2.92 -0.23
C ILE A 163 -15.54 -3.36 0.45
N TRP A 164 -15.59 -3.53 1.78
CA TRP A 164 -14.41 -3.92 2.54
C TRP A 164 -13.90 -5.31 2.18
N GLU A 165 -14.79 -6.18 1.67
CA GLU A 165 -14.39 -7.50 1.22
C GLU A 165 -13.56 -7.45 -0.06
N GLU A 166 -13.79 -6.43 -0.90
CA GLU A 166 -12.92 -6.17 -2.03
C GLU A 166 -11.53 -5.74 -1.54
N HIS A 167 -11.51 -4.91 -0.49
CA HIS A 167 -10.26 -4.50 0.14
C HIS A 167 -9.50 -5.69 0.69
N LEU A 168 -10.21 -6.59 1.39
CA LEU A 168 -9.62 -7.82 1.89
C LEU A 168 -8.97 -8.61 0.76
N ALA A 169 -9.72 -8.79 -0.34
CA ALA A 169 -9.22 -9.51 -1.50
C ALA A 169 -7.97 -8.85 -2.09
N SER A 170 -7.90 -7.51 -2.00
CA SER A 170 -6.75 -6.77 -2.46
C SER A 170 -5.51 -7.02 -1.59
N GLN A 171 -5.71 -7.04 -0.28
CA GLN A 171 -4.62 -7.27 0.68
C GLN A 171 -4.02 -8.67 0.46
N VAL A 172 -4.90 -9.67 0.36
CA VAL A 172 -4.49 -11.05 0.15
C VAL A 172 -3.72 -11.17 -1.17
N THR A 173 -4.22 -10.50 -2.21
CA THR A 173 -3.60 -10.52 -3.53
C THR A 173 -2.21 -9.88 -3.51
N LEU A 174 -2.10 -8.70 -2.89
CA LEU A 174 -0.83 -8.03 -2.74
C LEU A 174 0.18 -8.89 -1.98
N ALA A 175 -0.26 -9.46 -0.86
CA ALA A 175 0.58 -10.32 -0.04
C ALA A 175 1.05 -11.56 -0.81
N ALA A 176 0.12 -12.20 -1.52
CA ALA A 176 0.40 -13.43 -2.24
C ALA A 176 1.42 -13.24 -3.36
N THR A 177 1.27 -12.15 -4.12
CA THR A 177 2.18 -11.84 -5.23
C THR A 177 3.55 -11.40 -4.75
N GLU A 178 3.58 -10.55 -3.70
CA GLU A 178 4.82 -10.10 -3.11
C GLU A 178 5.67 -11.28 -2.61
N HIS A 179 5.03 -12.21 -1.91
CA HIS A 179 5.71 -13.40 -1.41
C HIS A 179 6.49 -14.10 -2.52
N LEU A 180 5.79 -14.39 -3.62
CA LEU A 180 6.38 -15.07 -4.77
C LEU A 180 7.43 -14.19 -5.45
N HIS A 181 7.15 -12.88 -5.54
CA HIS A 181 8.05 -11.95 -6.21
C HIS A 181 9.39 -11.82 -5.49
N ARG A 182 9.35 -11.79 -4.15
CA ARG A 182 10.54 -11.70 -3.32
C ARG A 182 11.41 -12.95 -3.39
N GLN A 183 10.82 -14.10 -3.68
CA GLN A 183 11.56 -15.36 -3.63
C GLN A 183 12.04 -15.86 -5.00
N LEU A 184 11.47 -15.36 -6.10
CA LEU A 184 11.81 -15.85 -7.42
C LEU A 184 12.92 -15.04 -8.08
N PRO A 185 13.81 -15.67 -8.89
CA PRO A 185 14.92 -14.98 -9.51
C PRO A 185 14.48 -13.97 -10.57
N ARG A 186 15.25 -12.88 -10.69
CA ARG A 186 14.99 -11.85 -11.69
C ARG A 186 16.13 -11.79 -12.68
N ALA A 187 15.84 -11.34 -13.90
CA ALA A 187 16.88 -11.04 -14.87
C ALA A 187 17.77 -9.95 -14.30
N PRO A 188 19.07 -9.91 -14.65
CA PRO A 188 19.95 -8.86 -14.14
C PRO A 188 19.52 -7.45 -14.58
N PHE A 189 19.95 -6.44 -13.82
CA PHE A 189 19.55 -5.07 -14.08
C PHE A 189 19.91 -4.68 -15.51
N ASN A 190 18.91 -4.21 -16.26
CA ASN A 190 19.06 -3.91 -17.68
C ASN A 190 19.38 -2.44 -17.96
N GLY A 191 19.64 -1.68 -16.90
CA GLY A 191 20.04 -0.28 -17.03
C GLY A 191 18.89 0.68 -17.31
N ARG A 192 17.65 0.22 -17.17
CA ARG A 192 16.49 1.00 -17.51
C ARG A 192 15.57 1.26 -16.32
N LEU A 193 14.78 2.33 -16.42
CA LEU A 193 13.82 2.72 -15.40
C LEU A 193 12.43 2.85 -16.03
N ALA A 194 11.43 2.30 -15.34
CA ALA A 194 10.04 2.46 -15.74
C ALA A 194 9.29 3.27 -14.69
N LEU A 195 8.59 4.32 -15.14
CA LEU A 195 7.79 5.16 -14.27
C LEU A 195 6.33 4.72 -14.36
N CYS A 196 5.76 4.32 -13.21
CA CYS A 196 4.44 3.69 -13.18
C CYS A 196 3.48 4.40 -12.23
N GLY A 197 2.20 4.42 -12.61
CA GLY A 197 1.15 4.99 -11.78
C GLY A 197 -0.22 4.90 -12.41
N CYS A 198 -1.25 5.32 -11.66
CA CYS A 198 -2.61 5.41 -12.16
C CYS A 198 -3.07 6.86 -12.13
N PRO A 199 -4.03 7.26 -12.99
CA PRO A 199 -4.44 8.66 -13.07
C PRO A 199 -5.19 9.16 -11.84
N GLU A 200 -5.35 10.48 -11.77
CA GLU A 200 -6.04 11.18 -10.70
C GLU A 200 -7.48 10.67 -10.56
N GLY A 201 -7.88 10.34 -9.33
CA GLY A 201 -9.24 9.89 -9.04
C GLY A 201 -9.41 8.37 -9.00
N ASP A 202 -8.41 7.63 -9.49
CA ASP A 202 -8.46 6.18 -9.53
C ASP A 202 -7.59 5.58 -8.43
N LEU A 203 -8.22 4.83 -7.51
CA LEU A 203 -7.53 4.19 -6.41
C LEU A 203 -7.24 2.71 -6.64
N HIS A 204 -7.61 2.20 -7.83
CA HIS A 204 -7.32 0.82 -8.20
C HIS A 204 -5.88 0.69 -8.65
N GLU A 205 -5.12 -0.19 -7.98
CA GLU A 205 -3.69 -0.29 -8.18
C GLU A 205 -3.09 -1.70 -8.17
N ILE A 206 -3.93 -2.74 -8.16
CA ILE A 206 -3.43 -4.10 -8.17
C ILE A 206 -2.82 -4.43 -9.52
N ALA A 207 -3.53 -4.12 -10.60
CA ALA A 207 -3.01 -4.30 -11.95
C ALA A 207 -1.63 -3.65 -12.07
N LEU A 208 -1.53 -2.40 -11.59
CA LEU A 208 -0.27 -1.68 -11.58
C LEU A 208 0.83 -2.48 -10.88
N HIS A 209 0.50 -3.04 -9.71
CA HIS A 209 1.44 -3.84 -8.95
C HIS A 209 1.89 -5.09 -9.72
N LEU A 210 0.92 -5.76 -10.37
CA LEU A 210 1.22 -6.93 -11.19
C LEU A 210 2.20 -6.57 -12.31
N VAL A 211 1.91 -5.45 -12.99
CA VAL A 211 2.75 -4.95 -14.06
C VAL A 211 4.16 -4.61 -13.58
N MET A 212 4.25 -3.96 -12.42
CA MET A 212 5.52 -3.51 -11.87
C MET A 212 6.41 -4.70 -11.49
N GLU A 213 5.79 -5.76 -10.97
CA GLU A 213 6.50 -7.01 -10.70
C GLU A 213 7.08 -7.60 -11.98
N VAL A 214 6.25 -7.67 -13.03
CA VAL A 214 6.67 -8.21 -14.32
C VAL A 214 7.89 -7.47 -14.85
N LEU A 215 7.87 -6.13 -14.75
CA LEU A 215 8.99 -5.30 -15.17
C LEU A 215 10.27 -5.61 -14.41
N GLU A 216 10.16 -5.79 -13.09
CA GLU A 216 11.30 -6.09 -12.25
C GLU A 216 11.89 -7.47 -12.54
N VAL A 217 11.03 -8.44 -12.82
CA VAL A 217 11.47 -9.78 -13.20
C VAL A 217 12.28 -9.71 -14.49
N GLU A 218 11.89 -8.79 -15.39
CA GLU A 218 12.60 -8.57 -16.64
C GLU A 218 13.87 -7.75 -16.52
N GLY A 219 14.17 -7.26 -15.31
CA GLY A 219 15.42 -6.56 -15.03
C GLY A 219 15.33 -5.04 -14.99
N TRP A 220 14.10 -4.49 -15.13
CA TRP A 220 13.88 -3.06 -15.01
C TRP A 220 13.95 -2.62 -13.56
N ARG A 221 14.37 -1.38 -13.33
CA ARG A 221 14.10 -0.69 -12.09
C ARG A 221 12.78 0.04 -12.29
N VAL A 222 11.98 0.11 -11.22
CA VAL A 222 10.64 0.68 -11.29
C VAL A 222 10.47 1.76 -10.23
N LEU A 223 9.90 2.90 -10.65
CA LEU A 223 9.47 3.95 -9.73
C LEU A 223 7.96 4.09 -9.82
N SER A 224 7.28 3.79 -8.71
CA SER A 224 5.84 3.92 -8.61
C SER A 224 5.46 5.27 -8.00
N LEU A 225 4.62 6.03 -8.72
CA LEU A 225 3.97 7.20 -8.14
C LEU A 225 2.64 6.78 -7.51
N GLY A 226 2.28 5.49 -7.66
CA GLY A 226 1.08 4.94 -7.06
C GLY A 226 -0.18 5.36 -7.81
N PRO A 227 -1.37 4.98 -7.31
CA PRO A 227 -2.63 5.38 -7.94
C PRO A 227 -2.93 6.87 -7.71
N ASN A 228 -4.02 7.34 -8.32
CA ASN A 228 -4.55 8.67 -8.02
C ASN A 228 -3.48 9.74 -8.22
N THR A 229 -2.69 9.61 -9.30
CA THR A 229 -1.55 10.48 -9.53
C THR A 229 -1.85 11.51 -10.62
N PRO A 230 -1.76 12.82 -10.31
CA PRO A 230 -1.89 13.86 -11.33
C PRO A 230 -0.77 13.80 -12.38
N LEU A 231 -1.10 14.13 -13.62
CA LEU A 231 -0.14 14.05 -14.71
C LEU A 231 1.10 14.93 -14.51
N PHE A 232 0.95 16.02 -13.75
CA PHE A 232 2.09 16.88 -13.45
C PHE A 232 3.11 16.17 -12.55
N SER A 233 2.64 15.24 -11.71
CA SER A 233 3.53 14.43 -10.90
C SER A 233 4.32 13.44 -11.78
N PHE A 234 3.65 12.85 -12.77
CA PHE A 234 4.32 12.07 -13.80
C PHE A 234 5.40 12.91 -14.47
N ALA A 235 5.02 14.13 -14.88
CA ALA A 235 5.91 15.03 -15.58
C ALA A 235 7.16 15.37 -14.76
N ASP A 236 6.95 15.68 -13.46
CA ASP A 236 8.04 15.94 -12.54
C ASP A 236 9.04 14.79 -12.49
N ALA A 237 8.50 13.57 -12.34
CA ALA A 237 9.31 12.37 -12.25
C ALA A 237 10.13 12.15 -13.52
N VAL A 238 9.52 12.43 -14.67
CA VAL A 238 10.20 12.32 -15.95
C VAL A 238 11.34 13.33 -16.06
N ARG A 239 11.08 14.58 -15.63
CA ARG A 239 12.09 15.62 -15.66
C ARG A 239 13.29 15.27 -14.77
N ARG A 240 13.04 14.67 -13.61
CA ARG A 240 14.12 14.32 -12.70
C ARG A 240 14.90 13.09 -13.16
N PHE A 241 14.20 12.05 -13.61
CA PHE A 241 14.81 10.74 -13.78
C PHE A 241 14.95 10.24 -15.22
N SER A 242 14.26 10.89 -16.18
CA SER A 242 14.32 10.51 -17.57
C SER A 242 14.14 9.00 -17.79
N PRO A 243 12.98 8.43 -17.39
CA PRO A 243 12.73 7.02 -17.61
C PRO A 243 12.58 6.68 -19.08
N GLN A 244 12.90 5.44 -19.44
CA GLN A 244 12.75 4.98 -20.82
C GLN A 244 11.28 4.66 -21.11
N LEU A 245 10.52 4.38 -20.05
CA LEU A 245 9.16 3.88 -20.16
C LEU A 245 8.24 4.51 -19.12
N VAL A 246 7.03 4.85 -19.54
CA VAL A 246 5.98 5.30 -18.64
C VAL A 246 4.78 4.36 -18.79
N CYS A 247 4.39 3.73 -17.67
CA CYS A 247 3.27 2.81 -17.66
C CYS A 247 2.10 3.43 -16.89
N ILE A 248 0.91 3.41 -17.50
CA ILE A 248 -0.29 3.92 -16.85
C ILE A 248 -1.37 2.85 -16.83
N SER A 249 -1.81 2.48 -15.62
CA SER A 249 -3.01 1.68 -15.43
C SER A 249 -4.18 2.61 -15.13
N ALA A 250 -5.28 2.43 -15.87
CA ALA A 250 -6.49 3.21 -15.65
C ALA A 250 -7.71 2.31 -15.63
N THR A 251 -8.36 2.23 -14.47
CA THR A 251 -9.57 1.43 -14.27
C THR A 251 -10.81 2.31 -14.39
N ILE A 252 -10.78 3.45 -13.71
CA ILE A 252 -11.80 4.49 -13.86
C ILE A 252 -11.12 5.81 -14.19
N VAL A 253 -11.78 6.61 -15.04
CA VAL A 253 -11.41 8.00 -15.24
C VAL A 253 -12.60 8.87 -14.84
N HIS A 254 -12.45 9.62 -13.75
CA HIS A 254 -13.52 10.43 -13.20
C HIS A 254 -13.65 11.78 -13.90
N ASP A 255 -12.51 12.40 -14.22
CA ASP A 255 -12.50 13.75 -14.78
C ASP A 255 -11.88 13.74 -16.18
N LEU A 256 -12.75 13.60 -17.18
CA LEU A 256 -12.34 13.56 -18.57
C LEU A 256 -11.79 14.91 -19.03
N GLU A 257 -12.41 15.99 -18.53
CA GLU A 257 -12.01 17.35 -18.89
C GLU A 257 -10.60 17.65 -18.39
N ARG A 258 -10.33 17.37 -17.11
CA ARG A 258 -9.04 17.66 -16.51
C ARG A 258 -7.91 16.96 -17.25
N LEU A 259 -8.07 15.65 -17.50
CA LEU A 259 -7.05 14.87 -18.16
C LEU A 259 -6.82 15.33 -19.60
N ARG A 260 -7.91 15.69 -20.29
CA ARG A 260 -7.83 16.27 -21.61
C ARG A 260 -6.97 17.52 -21.61
N ARG A 261 -7.11 18.36 -20.57
CA ARG A 261 -6.35 19.59 -20.43
C ARG A 261 -4.88 19.34 -20.09
N ASP A 262 -4.64 18.45 -19.13
CA ASP A 262 -3.31 18.19 -18.61
C ASP A 262 -2.38 17.44 -19.55
N TYR A 263 -2.96 16.64 -20.47
CA TYR A 263 -2.18 15.65 -21.18
C TYR A 263 -1.10 16.25 -22.09
N GLY A 264 -1.41 17.40 -22.69
CA GLY A 264 -0.49 18.08 -23.59
C GLY A 264 0.92 18.28 -23.02
N ASP A 265 0.99 18.95 -21.87
CA ASP A 265 2.26 19.23 -21.22
C ASP A 265 2.99 17.95 -20.84
N PHE A 266 2.24 16.97 -20.32
CA PHE A 266 2.77 15.67 -19.96
C PHE A 266 3.38 14.96 -21.17
N TYR A 267 2.62 14.92 -22.27
CA TYR A 267 3.05 14.25 -23.50
C TYR A 267 4.31 14.88 -24.08
N HIS A 268 4.31 16.22 -24.16
CA HIS A 268 5.45 16.97 -24.67
C HIS A 268 6.70 16.72 -23.83
N THR A 269 6.53 16.62 -22.51
CA THR A 269 7.63 16.32 -21.61
C THR A 269 8.17 14.91 -21.84
N VAL A 270 7.26 13.93 -21.93
CA VAL A 270 7.64 12.55 -22.23
C VAL A 270 8.51 12.49 -23.48
N ARG A 271 8.03 13.12 -24.56
CA ARG A 271 8.69 13.06 -25.85
C ARG A 271 10.05 13.78 -25.83
N GLN A 272 10.12 14.89 -25.07
CA GLN A 272 11.36 15.62 -24.88
C GLN A 272 12.45 14.77 -24.24
N HIS A 273 12.04 13.87 -23.33
CA HIS A 273 12.97 13.02 -22.60
C HIS A 273 13.11 11.62 -23.20
N GLY A 274 12.40 11.38 -24.31
CA GLY A 274 12.58 10.16 -25.10
C GLY A 274 11.98 8.90 -24.50
N ALA A 275 10.95 9.06 -23.65
CA ALA A 275 10.27 7.94 -23.04
C ALA A 275 9.12 7.43 -23.90
N ARG A 276 8.83 6.13 -23.78
CA ARG A 276 7.68 5.52 -24.41
C ARG A 276 6.52 5.47 -23.41
N ILE A 277 5.28 5.44 -23.93
CA ILE A 277 4.10 5.38 -23.10
C ILE A 277 3.34 4.09 -23.38
N VAL A 278 3.12 3.29 -22.33
CA VAL A 278 2.29 2.11 -22.41
C VAL A 278 1.08 2.31 -21.49
N ILE A 279 -0.11 1.99 -22.01
CA ILE A 279 -1.34 2.10 -21.25
C ILE A 279 -2.02 0.74 -21.16
N GLY A 280 -2.86 0.59 -20.13
CA GLY A 280 -3.66 -0.61 -19.93
C GLY A 280 -4.74 -0.38 -18.89
N GLY A 281 -5.77 -1.23 -18.89
CA GLY A 281 -6.86 -1.14 -17.94
C GLY A 281 -8.22 -0.88 -18.59
N ALA A 282 -9.28 -1.10 -17.82
CA ALA A 282 -10.65 -1.09 -18.33
C ALA A 282 -11.08 0.27 -18.88
N ALA A 283 -10.56 1.36 -18.30
CA ALA A 283 -10.95 2.71 -18.68
C ALA A 283 -10.67 2.99 -20.16
N PHE A 284 -9.63 2.35 -20.71
CA PHE A 284 -9.22 2.58 -22.09
C PHE A 284 -10.12 1.90 -23.12
N ALA A 285 -11.11 1.13 -22.63
CA ALA A 285 -12.18 0.64 -23.49
C ALA A 285 -13.07 1.79 -23.97
N ASP A 286 -13.11 2.89 -23.21
CA ASP A 286 -13.79 4.10 -23.62
C ASP A 286 -12.97 4.79 -24.71
N PRO A 287 -13.52 4.94 -25.94
CA PRO A 287 -12.78 5.56 -27.04
C PRO A 287 -12.22 6.95 -26.72
N GLN A 288 -12.97 7.72 -25.94
CA GLN A 288 -12.60 9.08 -25.60
C GLN A 288 -11.39 9.12 -24.68
N VAL A 289 -11.36 8.19 -23.70
CA VAL A 289 -10.25 8.08 -22.78
C VAL A 289 -8.99 7.69 -23.55
N ARG A 290 -9.13 6.70 -24.44
CA ARG A 290 -8.01 6.21 -25.23
C ARG A 290 -7.45 7.29 -26.15
N GLU A 291 -8.33 8.15 -26.67
CA GLU A 291 -7.92 9.21 -27.58
C GLU A 291 -7.08 10.27 -26.86
N ILE A 292 -7.46 10.58 -25.61
CA ILE A 292 -6.72 11.53 -24.79
C ILE A 292 -5.32 11.00 -24.46
N PHE A 293 -5.24 9.75 -23.99
CA PHE A 293 -3.99 9.15 -23.58
C PHE A 293 -3.17 8.67 -24.77
N ILE A 294 -2.48 9.60 -25.42
CA ILE A 294 -1.59 9.29 -26.54
C ILE A 294 -0.54 8.29 -26.03
N HIS A 295 -0.39 7.18 -26.76
CA HIS A 295 0.43 6.07 -26.30
C HIS A 295 1.22 5.43 -27.44
N ASP A 296 2.26 4.69 -27.08
CA ASP A 296 3.05 3.91 -28.01
C ASP A 296 2.59 2.47 -28.07
N TYR A 297 1.93 2.00 -27.01
CA TYR A 297 1.34 0.67 -26.98
C TYR A 297 0.20 0.61 -25.97
N GLN A 298 -0.88 -0.10 -26.34
CA GLN A 298 -1.97 -0.40 -25.43
C GLN A 298 -2.00 -1.91 -25.18
N ALA A 299 -1.82 -2.31 -23.91
CA ALA A 299 -1.75 -3.71 -23.55
C ALA A 299 -3.12 -4.25 -23.15
N ALA A 300 -3.42 -5.48 -23.59
CA ALA A 300 -4.59 -6.20 -23.14
C ALA A 300 -4.31 -6.86 -21.79
N GLY A 301 -3.07 -7.37 -21.64
CA GLY A 301 -2.65 -8.02 -20.42
C GLY A 301 -1.12 -8.02 -20.27
N LEU A 302 -0.62 -8.93 -19.42
CA LEU A 302 0.80 -9.01 -19.12
C LEU A 302 1.59 -9.71 -20.23
N THR A 303 0.96 -10.69 -20.89
CA THR A 303 1.63 -11.49 -21.92
C THR A 303 2.04 -10.64 -23.11
N ASP A 304 1.09 -9.90 -23.68
CA ASP A 304 1.37 -9.08 -24.86
C ASP A 304 2.20 -7.85 -24.48
N PHE A 305 2.04 -7.37 -23.24
CA PHE A 305 2.93 -6.36 -22.68
C PHE A 305 4.37 -6.84 -22.70
N LEU A 306 4.60 -8.07 -22.23
CA LEU A 306 5.92 -8.67 -22.24
C LEU A 306 6.47 -8.81 -23.65
N ASP A 307 5.59 -9.15 -24.60
CA ASP A 307 5.97 -9.21 -26.01
C ASP A 307 6.40 -7.84 -26.53
N TYR A 308 5.73 -6.77 -26.06
CA TYR A 308 6.11 -5.41 -26.41
C TYR A 308 7.50 -5.07 -25.87
N LEU A 309 7.71 -5.31 -24.58
CA LEU A 309 8.99 -5.06 -23.93
C LEU A 309 10.14 -5.74 -24.68
N ARG A 310 9.94 -7.00 -25.06
CA ARG A 310 10.96 -7.79 -25.71
C ARG A 310 11.32 -7.27 -27.11
N ARG A 311 10.32 -6.75 -27.84
CA ARG A 311 10.53 -6.17 -29.16
C ARG A 311 11.14 -4.77 -29.09
N GLU A 312 10.57 -3.92 -28.24
CA GLU A 312 10.89 -2.50 -28.19
C GLU A 312 12.07 -2.18 -27.26
N PHE A 313 12.31 -3.05 -26.27
CA PHE A 313 13.38 -2.86 -25.30
C PHE A 313 14.21 -4.14 -25.15
N PRO A 314 15.00 -4.52 -26.17
CA PRO A 314 15.79 -5.75 -26.15
C PRO A 314 16.71 -5.87 -24.94
N THR A 315 16.98 -7.12 -24.54
CA THR A 315 17.75 -7.41 -23.35
C THR A 315 19.25 -7.23 -23.62
N PRO A 316 19.95 -6.38 -22.82
CA PRO A 316 21.40 -6.27 -22.91
C PRO A 316 22.13 -7.29 -22.04
N ALA B 93 31.42 6.92 8.04
CA ALA B 93 31.83 7.75 9.18
C ALA B 93 30.81 8.84 9.49
N SER B 94 30.17 9.40 8.46
CA SER B 94 29.30 10.55 8.61
C SER B 94 28.01 10.23 9.36
N LEU B 95 27.39 9.09 9.03
CA LEU B 95 26.17 8.65 9.69
C LEU B 95 26.44 8.21 11.12
N ASP B 96 27.59 7.55 11.30
CA ASP B 96 28.01 7.08 12.62
C ASP B 96 28.34 8.22 13.57
N GLN B 97 28.82 9.36 13.02
CA GLN B 97 29.02 10.57 13.81
C GLN B 97 27.76 10.98 14.57
N ALA B 98 26.62 10.94 13.87
CA ALA B 98 25.34 11.33 14.42
C ALA B 98 24.86 10.34 15.48
N LEU B 99 25.09 9.05 15.21
CA LEU B 99 24.65 7.98 16.09
C LEU B 99 25.45 7.93 17.39
N VAL B 100 26.77 8.18 17.30
CA VAL B 100 27.63 8.23 18.47
C VAL B 100 27.29 9.45 19.32
N ALA B 101 26.95 10.56 18.66
CA ALA B 101 26.61 11.80 19.34
C ALA B 101 25.19 11.82 19.88
N ARG B 102 24.38 10.82 19.51
CA ARG B 102 22.97 10.75 19.89
C ARG B 102 22.26 12.01 19.42
N ASP B 103 22.71 12.53 18.28
CA ASP B 103 22.33 13.84 17.79
C ASP B 103 21.17 13.65 16.83
N TRP B 104 19.95 13.82 17.34
CA TRP B 104 18.75 13.57 16.57
C TRP B 104 18.64 14.46 15.33
N ALA B 105 19.10 15.71 15.45
CA ALA B 105 19.07 16.67 14.35
C ALA B 105 19.90 16.19 13.16
N ALA B 106 21.11 15.70 13.45
CA ALA B 106 21.99 15.16 12.43
C ALA B 106 21.37 13.93 11.75
N LEU B 107 20.78 13.05 12.55
CA LEU B 107 20.16 11.83 12.06
C LEU B 107 18.93 12.12 11.20
N GLN B 108 18.12 13.09 11.66
CA GLN B 108 16.97 13.55 10.89
C GLN B 108 17.36 14.12 9.53
N ALA B 109 18.46 14.89 9.50
CA ALA B 109 18.95 15.50 8.29
C ALA B 109 19.41 14.46 7.26
N ARG B 110 20.12 13.44 7.73
CA ARG B 110 20.57 12.35 6.87
C ARG B 110 19.37 11.59 6.33
N TYR B 111 18.39 11.31 7.20
CA TYR B 111 17.21 10.57 6.79
C TYR B 111 16.33 11.38 5.85
N TYR B 112 16.15 12.67 6.17
CA TYR B 112 15.42 13.59 5.31
C TYR B 112 15.91 13.50 3.86
N GLU B 113 17.23 13.60 3.68
CA GLU B 113 17.84 13.60 2.36
C GLU B 113 17.56 12.32 1.58
N ALA B 114 17.65 11.17 2.26
CA ALA B 114 17.36 9.88 1.65
C ALA B 114 15.87 9.77 1.28
N ALA B 115 15.01 10.24 2.18
CA ALA B 115 13.56 10.17 1.99
C ALA B 115 13.08 10.98 0.80
N VAL B 116 13.47 12.27 0.76
CA VAL B 116 13.01 13.20 -0.26
C VAL B 116 13.56 12.86 -1.64
N ALA B 117 14.73 12.22 -1.68
CA ALA B 117 15.32 11.77 -2.94
C ALA B 117 14.69 10.47 -3.45
N GLY B 118 13.91 9.81 -2.58
CA GLY B 118 13.29 8.54 -2.93
C GLY B 118 14.29 7.38 -2.92
N ASP B 119 15.38 7.54 -2.16
CA ASP B 119 16.42 6.54 -2.07
C ASP B 119 16.07 5.54 -0.98
N GLU B 120 15.33 4.49 -1.37
CA GLU B 120 14.82 3.51 -0.43
C GLU B 120 15.95 2.81 0.31
N LEU B 121 16.97 2.35 -0.43
CA LEU B 121 18.07 1.57 0.12
C LEU B 121 18.88 2.36 1.15
N ALA B 122 19.13 3.65 0.86
CA ALA B 122 19.81 4.52 1.81
C ALA B 122 18.98 4.69 3.08
N GLY B 123 17.66 4.83 2.90
CA GLY B 123 16.73 4.91 4.02
C GLY B 123 16.67 3.62 4.84
N VAL B 124 16.62 2.49 4.14
CA VAL B 124 16.62 1.18 4.79
C VAL B 124 17.88 0.99 5.62
N ALA B 125 19.04 1.23 4.99
CA ALA B 125 20.33 1.03 5.62
C ALA B 125 20.56 1.97 6.81
N LEU B 126 20.14 3.23 6.65
CA LEU B 126 20.29 4.22 7.70
C LEU B 126 19.50 3.82 8.95
N LEU B 127 18.26 3.39 8.75
CA LEU B 127 17.38 3.04 9.86
C LEU B 127 17.85 1.77 10.58
N GLU B 128 18.40 0.82 9.82
CA GLU B 128 18.94 -0.41 10.39
C GLU B 128 20.20 -0.15 11.21
N ARG B 129 21.10 0.66 10.63
CA ARG B 129 22.33 1.08 11.29
C ARG B 129 22.03 1.77 12.60
N ALA B 130 21.04 2.68 12.58
CA ALA B 130 20.62 3.42 13.74
C ALA B 130 20.07 2.51 14.84
N TYR B 131 19.28 1.51 14.41
CA TYR B 131 18.73 0.53 15.34
C TYR B 131 19.84 -0.26 16.03
N ARG B 132 20.81 -0.72 15.23
CA ARG B 132 21.91 -1.55 15.73
C ARG B 132 22.89 -0.78 16.60
N SER B 133 22.83 0.56 16.56
CA SER B 133 23.56 1.39 17.50
C SER B 133 22.89 1.50 18.86
N GLY B 134 21.69 0.90 18.98
CA GLY B 134 21.00 0.78 20.26
C GLY B 134 19.79 1.69 20.43
N ILE B 135 19.23 2.17 19.31
CA ILE B 135 18.02 2.99 19.34
C ILE B 135 16.83 2.09 19.03
N PRO B 136 15.88 1.91 19.98
CA PRO B 136 14.68 1.12 19.71
C PRO B 136 13.90 1.63 18.50
N VAL B 137 13.11 0.75 17.89
CA VAL B 137 12.34 1.09 16.69
C VAL B 137 11.36 2.23 16.97
N VAL B 138 10.68 2.15 18.12
CA VAL B 138 9.71 3.15 18.51
C VAL B 138 10.37 4.54 18.59
N ALA B 139 11.57 4.60 19.17
CA ALA B 139 12.31 5.85 19.27
C ALA B 139 12.68 6.40 17.90
N LEU B 140 13.09 5.52 16.99
CA LEU B 140 13.38 5.91 15.61
C LEU B 140 12.14 6.48 14.93
N LYS B 141 10.99 5.82 15.14
CA LYS B 141 9.73 6.28 14.60
C LYS B 141 9.32 7.64 15.16
N GLU B 142 9.41 7.79 16.49
CA GLU B 142 8.99 9.00 17.17
C GLU B 142 9.90 10.20 16.93
N HIS B 143 11.22 9.97 16.96
CA HIS B 143 12.20 11.05 17.01
C HIS B 143 13.05 11.23 15.76
N VAL B 144 12.83 10.40 14.74
CA VAL B 144 13.49 10.56 13.45
C VAL B 144 12.45 10.69 12.34
N LEU B 145 11.64 9.64 12.16
CA LEU B 145 10.71 9.58 11.04
C LEU B 145 9.63 10.65 11.11
N THR B 146 9.01 10.80 12.29
CA THR B 146 7.89 11.71 12.46
C THR B 146 8.31 13.16 12.27
N PRO B 147 9.34 13.67 13.00
CA PRO B 147 9.81 15.05 12.80
C PRO B 147 10.20 15.37 11.36
N VAL B 148 10.88 14.43 10.69
CA VAL B 148 11.29 14.60 9.31
C VAL B 148 10.06 14.79 8.41
N LEU B 149 9.08 13.90 8.54
CA LEU B 149 7.88 13.96 7.72
C LEU B 149 7.06 15.22 7.98
N HIS B 150 7.03 15.67 9.25
CA HIS B 150 6.41 16.95 9.57
C HIS B 150 7.09 18.11 8.85
N LEU B 151 8.43 18.12 8.87
CA LEU B 151 9.21 19.16 8.22
C LEU B 151 9.00 19.16 6.70
N ILE B 152 8.93 17.95 6.12
CA ILE B 152 8.68 17.79 4.69
C ILE B 152 7.35 18.44 4.30
N GLY B 153 6.32 18.21 5.12
CA GLY B 153 5.01 18.78 4.91
C GLY B 153 5.01 20.31 4.92
N GLU B 154 5.75 20.89 5.88
CA GLU B 154 5.90 22.34 5.97
C GLU B 154 6.55 22.92 4.73
N ARG B 155 7.55 22.20 4.19
CA ARG B 155 8.28 22.67 3.02
C ARG B 155 7.48 22.50 1.73
N TRP B 156 6.72 21.40 1.62
CA TRP B 156 5.78 21.24 0.53
C TRP B 156 4.79 22.41 0.49
N ARG B 157 4.23 22.73 1.67
CA ARG B 157 3.20 23.75 1.77
C ARG B 157 3.68 25.12 1.29
N ARG B 158 4.98 25.41 1.51
CA ARG B 158 5.59 26.64 1.04
C ARG B 158 6.08 26.57 -0.40
N GLY B 159 5.94 25.39 -1.03
CA GLY B 159 6.34 25.21 -2.42
C GLY B 159 7.82 24.91 -2.60
N GLU B 160 8.52 24.63 -1.49
CA GLU B 160 9.92 24.26 -1.53
C GLU B 160 10.07 22.80 -1.98
N LEU B 161 8.99 22.02 -1.81
CA LEU B 161 8.91 20.68 -2.34
C LEU B 161 7.63 20.53 -3.16
N ASN B 162 7.66 19.60 -4.13
CA ASN B 162 6.48 19.22 -4.88
C ASN B 162 5.84 18.00 -4.23
N ILE B 163 4.56 17.77 -4.53
CA ILE B 163 3.78 16.76 -3.83
C ILE B 163 4.36 15.36 -3.97
N TRP B 164 4.92 15.04 -5.14
CA TRP B 164 5.47 13.73 -5.40
C TRP B 164 6.69 13.42 -4.52
N GLU B 165 7.39 14.45 -4.05
CA GLU B 165 8.52 14.27 -3.15
C GLU B 165 8.07 13.82 -1.76
N GLU B 166 6.85 14.21 -1.36
CA GLU B 166 6.25 13.67 -0.14
C GLU B 166 5.96 12.18 -0.33
N HIS B 167 5.47 11.81 -1.52
CA HIS B 167 5.24 10.43 -1.88
C HIS B 167 6.53 9.61 -1.83
N LEU B 168 7.61 10.16 -2.40
CA LEU B 168 8.93 9.53 -2.34
C LEU B 168 9.33 9.25 -0.89
N ALA B 169 9.20 10.28 -0.04
CA ALA B 169 9.51 10.17 1.38
C ALA B 169 8.67 9.08 2.06
N SER B 170 7.42 8.92 1.61
CA SER B 170 6.53 7.88 2.12
C SER B 170 7.00 6.48 1.76
N GLN B 171 7.42 6.31 0.49
CA GLN B 171 7.89 5.03 0.00
C GLN B 171 9.12 4.58 0.78
N VAL B 172 10.09 5.51 0.93
CA VAL B 172 11.32 5.23 1.64
C VAL B 172 11.02 4.85 3.10
N THR B 173 10.08 5.58 3.72
CA THR B 173 9.69 5.34 5.09
C THR B 173 9.03 3.98 5.27
N LEU B 174 8.10 3.65 4.37
CA LEU B 174 7.43 2.35 4.40
C LEU B 174 8.43 1.22 4.23
N ALA B 175 9.33 1.36 3.24
CA ALA B 175 10.36 0.37 2.98
C ALA B 175 11.29 0.17 4.16
N ALA B 176 11.73 1.30 4.77
CA ALA B 176 12.69 1.27 5.86
C ALA B 176 12.13 0.56 7.10
N THR B 177 10.87 0.86 7.43
CA THR B 177 10.23 0.27 8.60
C THR B 177 9.89 -1.21 8.39
N GLU B 178 9.38 -1.53 7.20
CA GLU B 178 9.08 -2.91 6.84
C GLU B 178 10.30 -3.82 6.97
N HIS B 179 11.44 -3.36 6.43
CA HIS B 179 12.68 -4.10 6.50
C HIS B 179 12.99 -4.53 7.93
N LEU B 180 12.96 -3.55 8.84
CA LEU B 180 13.27 -3.78 10.24
C LEU B 180 12.18 -4.62 10.91
N HIS B 181 10.92 -4.37 10.54
CA HIS B 181 9.81 -5.10 11.10
C HIS B 181 9.83 -6.59 10.77
N ARG B 182 10.16 -6.92 9.52
CA ARG B 182 10.20 -8.31 9.09
C ARG B 182 11.39 -9.08 9.68
N GLN B 183 12.44 -8.32 10.04
CA GLN B 183 13.73 -8.88 10.45
C GLN B 183 13.87 -9.11 11.95
N LEU B 184 13.16 -8.31 12.75
CA LEU B 184 13.28 -8.35 14.20
C LEU B 184 12.25 -9.30 14.80
N PRO B 185 12.59 -9.99 15.94
CA PRO B 185 11.65 -10.89 16.58
C PRO B 185 10.43 -10.17 17.17
N ARG B 186 9.30 -10.87 17.19
CA ARG B 186 8.07 -10.35 17.76
C ARG B 186 7.69 -11.22 18.96
N ALA B 187 6.91 -10.63 19.87
CA ALA B 187 6.31 -11.39 20.96
C ALA B 187 5.41 -12.45 20.34
N PRO B 188 5.23 -13.62 21.00
CA PRO B 188 4.33 -14.64 20.47
C PRO B 188 2.88 -14.15 20.39
N PHE B 189 2.09 -14.82 19.54
CA PHE B 189 0.70 -14.45 19.34
C PHE B 189 -0.04 -14.41 20.67
N ASN B 190 -0.66 -13.25 20.97
CA ASN B 190 -1.31 -13.02 22.25
C ASN B 190 -2.82 -13.32 22.22
N GLY B 191 -3.30 -13.90 21.12
CA GLY B 191 -4.69 -14.29 20.99
C GLY B 191 -5.66 -13.16 20.69
N ARG B 192 -5.12 -11.99 20.31
CA ARG B 192 -5.93 -10.80 20.09
C ARG B 192 -5.83 -10.27 18.67
N LEU B 193 -6.88 -9.55 18.25
CA LEU B 193 -6.94 -8.92 16.94
C LEU B 193 -7.20 -7.42 17.12
N ALA B 194 -6.46 -6.61 16.35
CA ALA B 194 -6.69 -5.18 16.30
C ALA B 194 -7.15 -4.78 14.89
N LEU B 195 -8.26 -4.02 14.83
CA LEU B 195 -8.79 -3.52 13.58
C LEU B 195 -8.35 -2.08 13.39
N CYS B 196 -7.63 -1.81 12.29
CA CYS B 196 -6.98 -0.52 12.09
C CYS B 196 -7.36 0.12 10.75
N GLY B 197 -7.45 1.45 10.75
CA GLY B 197 -7.74 2.21 9.54
C GLY B 197 -7.76 3.73 9.77
N CYS B 198 -7.92 4.48 8.68
CA CYS B 198 -8.09 5.93 8.75
C CYS B 198 -9.46 6.30 8.18
N PRO B 199 -10.05 7.45 8.60
CA PRO B 199 -11.39 7.80 8.16
C PRO B 199 -11.50 8.15 6.68
N GLU B 200 -12.75 8.24 6.22
CA GLU B 200 -13.08 8.58 4.85
C GLU B 200 -12.51 9.95 4.47
N GLY B 201 -11.84 10.01 3.32
CA GLY B 201 -11.28 11.25 2.80
C GLY B 201 -9.82 11.49 3.13
N ASP B 202 -9.27 10.69 4.05
CA ASP B 202 -7.90 10.81 4.50
C ASP B 202 -7.05 9.70 3.88
N LEU B 203 -6.05 10.09 3.08
CA LEU B 203 -5.15 9.16 2.43
C LEU B 203 -3.81 9.02 3.14
N HIS B 204 -3.64 9.71 4.27
CA HIS B 204 -2.43 9.59 5.08
C HIS B 204 -2.49 8.32 5.91
N GLU B 205 -1.48 7.46 5.74
CA GLU B 205 -1.50 6.14 6.34
C GLU B 205 -0.15 5.63 6.88
N ILE B 206 0.87 6.49 6.93
CA ILE B 206 2.16 6.08 7.46
C ILE B 206 2.06 5.88 8.97
N ALA B 207 1.47 6.85 9.67
CA ALA B 207 1.24 6.72 11.10
C ALA B 207 0.53 5.40 11.41
N LEU B 208 -0.53 5.10 10.64
CA LEU B 208 -1.26 3.85 10.78
C LEU B 208 -0.33 2.64 10.67
N HIS B 209 0.56 2.67 9.66
N HIS B 209 0.55 2.68 9.65
CA HIS B 209 1.50 1.59 9.46
CA HIS B 209 1.53 1.62 9.44
C HIS B 209 2.47 1.44 10.63
C HIS B 209 2.46 1.45 10.64
N LEU B 210 2.95 2.58 11.17
CA LEU B 210 3.81 2.58 12.34
C LEU B 210 3.11 1.93 13.53
N VAL B 211 1.85 2.34 13.75
CA VAL B 211 1.03 1.79 14.83
C VAL B 211 0.82 0.28 14.67
N MET B 212 0.53 -0.15 13.44
CA MET B 212 0.22 -1.54 13.16
C MET B 212 1.43 -2.43 13.40
N GLU B 213 2.61 -1.93 13.04
CA GLU B 213 3.87 -2.61 13.33
C GLU B 213 4.05 -2.79 14.83
N VAL B 214 3.84 -1.72 15.61
CA VAL B 214 4.00 -1.76 17.05
C VAL B 214 3.11 -2.85 17.66
N LEU B 215 1.86 -2.92 17.20
CA LEU B 215 0.93 -3.93 17.64
C LEU B 215 1.40 -5.35 17.34
N GLU B 216 1.95 -5.57 16.14
CA GLU B 216 2.43 -6.89 15.75
C GLU B 216 3.67 -7.31 16.53
N VAL B 217 4.55 -6.35 16.83
CA VAL B 217 5.72 -6.63 17.66
C VAL B 217 5.27 -7.11 19.04
N GLU B 218 4.15 -6.55 19.52
CA GLU B 218 3.59 -6.90 20.82
C GLU B 218 2.78 -8.21 20.81
N GLY B 219 2.64 -8.82 19.62
CA GLY B 219 2.03 -10.13 19.49
C GLY B 219 0.57 -10.12 19.03
N TRP B 220 0.06 -8.93 18.68
CA TRP B 220 -1.28 -8.82 18.13
C TRP B 220 -1.31 -9.31 16.68
N ARG B 221 -2.46 -9.84 16.26
CA ARG B 221 -2.79 -9.92 14.86
C ARG B 221 -3.50 -8.61 14.50
N VAL B 222 -3.24 -8.11 13.29
CA VAL B 222 -3.76 -6.84 12.85
C VAL B 222 -4.50 -7.01 11.53
N LEU B 223 -5.68 -6.41 11.44
CA LEU B 223 -6.41 -6.29 10.19
C LEU B 223 -6.52 -4.82 9.83
N SER B 224 -5.91 -4.45 8.71
CA SER B 224 -5.97 -3.09 8.19
C SER B 224 -7.08 -2.96 7.16
N LEU B 225 -7.98 -1.99 7.38
CA LEU B 225 -8.92 -1.56 6.35
C LEU B 225 -8.29 -0.45 5.52
N GLY B 226 -7.08 0.00 5.91
CA GLY B 226 -6.35 1.01 5.18
C GLY B 226 -6.90 2.41 5.42
N PRO B 227 -6.36 3.44 4.74
CA PRO B 227 -6.88 4.80 4.86
C PRO B 227 -8.22 4.96 4.15
N ASN B 228 -8.82 6.15 4.28
CA ASN B 228 -9.99 6.50 3.50
C ASN B 228 -11.12 5.49 3.67
N THR B 229 -11.32 5.03 4.92
CA THR B 229 -12.26 3.96 5.22
C THR B 229 -13.54 4.50 5.84
N PRO B 230 -14.72 4.26 5.23
CA PRO B 230 -15.99 4.62 5.86
C PRO B 230 -16.24 3.83 7.14
N LEU B 231 -16.91 4.48 8.12
CA LEU B 231 -17.15 3.85 9.41
C LEU B 231 -17.98 2.58 9.32
N PHE B 232 -18.83 2.46 8.28
CA PHE B 232 -19.61 1.25 8.08
C PHE B 232 -18.73 0.06 7.72
N SER B 233 -17.59 0.32 7.08
CA SER B 233 -16.61 -0.74 6.80
C SER B 233 -15.93 -1.21 8.09
N PHE B 234 -15.61 -0.27 8.99
CA PHE B 234 -15.15 -0.61 10.32
C PHE B 234 -16.19 -1.49 11.02
N ALA B 235 -17.46 -1.06 10.95
CA ALA B 235 -18.55 -1.76 11.61
C ALA B 235 -18.70 -3.19 11.10
N ASP B 236 -18.64 -3.36 9.77
CA ASP B 236 -18.69 -4.67 9.14
C ASP B 236 -17.58 -5.59 9.67
N ALA B 237 -16.35 -5.06 9.71
CA ALA B 237 -15.21 -5.82 10.17
C ALA B 237 -15.35 -6.25 11.63
N VAL B 238 -15.93 -5.37 12.45
CA VAL B 238 -16.20 -5.69 13.85
C VAL B 238 -17.23 -6.81 13.96
N ARG B 239 -18.30 -6.73 13.17
CA ARG B 239 -19.35 -7.75 13.17
C ARG B 239 -18.81 -9.12 12.75
N ARG B 240 -17.90 -9.14 11.78
CA ARG B 240 -17.33 -10.39 11.29
C ARG B 240 -16.31 -10.99 12.24
N PHE B 241 -15.41 -10.15 12.79
CA PHE B 241 -14.23 -10.64 13.47
C PHE B 241 -14.15 -10.39 14.98
N SER B 242 -15.02 -9.51 15.50
CA SER B 242 -15.04 -9.19 16.92
C SER B 242 -13.65 -8.88 17.48
N PRO B 243 -12.95 -7.85 16.96
CA PRO B 243 -11.64 -7.47 17.48
C PRO B 243 -11.73 -6.92 18.91
N GLN B 244 -10.64 -7.07 19.67
CA GLN B 244 -10.57 -6.53 21.01
C GLN B 244 -10.30 -5.03 20.97
N LEU B 245 -9.71 -4.57 19.86
CA LEU B 245 -9.23 -3.20 19.75
C LEU B 245 -9.52 -2.63 18.36
N VAL B 246 -9.93 -1.36 18.33
CA VAL B 246 -10.08 -0.61 17.08
C VAL B 246 -9.19 0.62 17.16
N CYS B 247 -8.26 0.73 16.21
CA CYS B 247 -7.34 1.87 16.14
C CYS B 247 -7.70 2.74 14.95
N ILE B 248 -7.81 4.05 15.18
CA ILE B 248 -8.07 5.00 14.12
C ILE B 248 -7.01 6.09 14.11
N SER B 249 -6.30 6.21 12.98
CA SER B 249 -5.43 7.33 12.70
C SER B 249 -6.20 8.34 11.86
N ALA B 250 -6.19 9.62 12.28
CA ALA B 250 -6.84 10.68 11.53
C ALA B 250 -5.91 11.88 11.42
N THR B 251 -5.50 12.21 10.19
CA THR B 251 -4.62 13.33 9.92
C THR B 251 -5.45 14.53 9.44
N ILE B 252 -6.35 14.27 8.50
CA ILE B 252 -7.33 15.26 8.06
C ILE B 252 -8.73 14.64 8.17
N VAL B 253 -9.70 15.48 8.55
CA VAL B 253 -11.10 15.13 8.46
C VAL B 253 -11.78 16.13 7.55
N HIS B 254 -12.19 15.67 6.36
CA HIS B 254 -12.79 16.53 5.36
C HIS B 254 -14.28 16.75 5.60
N ASP B 255 -15.00 15.70 6.00
CA ASP B 255 -16.43 15.75 6.17
C ASP B 255 -16.81 15.51 7.63
N LEU B 256 -16.90 16.61 8.40
CA LEU B 256 -17.25 16.58 9.80
C LEU B 256 -18.69 16.11 10.01
N GLU B 257 -19.58 16.53 9.09
CA GLU B 257 -20.99 16.19 9.16
C GLU B 257 -21.21 14.68 8.99
N ARG B 258 -20.62 14.11 7.94
CA ARG B 258 -20.76 12.69 7.65
C ARG B 258 -20.32 11.81 8.83
N LEU B 259 -19.13 12.10 9.37
CA LEU B 259 -18.60 11.31 10.48
C LEU B 259 -19.46 11.46 11.74
N ARG B 260 -19.94 12.68 11.98
CA ARG B 260 -20.88 12.94 13.07
C ARG B 260 -22.11 12.04 12.96
N ARG B 261 -22.60 11.88 11.73
CA ARG B 261 -23.78 11.07 11.46
C ARG B 261 -23.53 9.57 11.59
N ASP B 262 -22.40 9.11 11.02
CA ASP B 262 -22.07 7.70 10.95
C ASP B 262 -21.65 7.09 12.29
N TYR B 263 -21.12 7.92 13.20
CA TYR B 263 -20.41 7.40 14.36
C TYR B 263 -21.29 6.59 15.31
N GLY B 264 -22.56 7.00 15.45
CA GLY B 264 -23.50 6.33 16.33
C GLY B 264 -23.59 4.82 16.13
N ASP B 265 -23.90 4.40 14.90
CA ASP B 265 -24.03 2.99 14.57
C ASP B 265 -22.71 2.24 14.78
N PHE B 266 -21.61 2.88 14.38
CA PHE B 266 -20.27 2.31 14.57
C PHE B 266 -19.97 2.09 16.05
N TYR B 267 -20.21 3.12 16.87
CA TYR B 267 -19.94 3.06 18.29
C TYR B 267 -20.76 1.98 19.00
N HIS B 268 -22.06 1.95 18.69
CA HIS B 268 -22.97 0.95 19.24
C HIS B 268 -22.53 -0.46 18.89
N THR B 269 -22.04 -0.65 17.65
CA THR B 269 -21.53 -1.94 17.20
C THR B 269 -20.27 -2.32 17.98
N VAL B 270 -19.33 -1.39 18.09
CA VAL B 270 -18.11 -1.60 18.86
C VAL B 270 -18.43 -2.10 20.26
N ARG B 271 -19.34 -1.38 20.95
CA ARG B 271 -19.68 -1.67 22.33
C ARG B 271 -20.40 -3.00 22.47
N GLN B 272 -21.24 -3.34 21.48
CA GLN B 272 -21.91 -4.63 21.44
C GLN B 272 -20.93 -5.79 21.39
N HIS B 273 -19.80 -5.60 20.69
CA HIS B 273 -18.81 -6.65 20.51
C HIS B 273 -17.64 -6.53 21.49
N GLY B 274 -17.70 -5.55 22.39
CA GLY B 274 -16.77 -5.44 23.51
C GLY B 274 -15.36 -4.97 23.14
N ALA B 275 -15.24 -4.21 22.04
CA ALA B 275 -13.96 -3.69 21.59
C ALA B 275 -13.66 -2.34 22.22
N ARG B 276 -12.37 -2.03 22.39
CA ARG B 276 -11.92 -0.71 22.81
C ARG B 276 -11.59 0.12 21.57
N ILE B 277 -11.70 1.45 21.71
CA ILE B 277 -11.36 2.38 20.65
C ILE B 277 -10.17 3.25 21.07
N VAL B 278 -9.10 3.21 20.27
CA VAL B 278 -7.96 4.10 20.45
C VAL B 278 -7.88 5.00 19.22
N ILE B 279 -7.67 6.30 19.48
CA ILE B 279 -7.54 7.28 18.42
C ILE B 279 -6.19 7.98 18.52
N GLY B 280 -5.72 8.51 17.39
CA GLY B 280 -4.48 9.27 17.33
C GLY B 280 -4.37 10.02 16.01
N GLY B 281 -3.51 11.04 15.97
CA GLY B 281 -3.29 11.82 14.77
C GLY B 281 -3.68 13.30 14.93
N ALA B 282 -3.19 14.12 14.00
CA ALA B 282 -3.29 15.57 14.09
C ALA B 282 -4.74 16.08 14.10
N ALA B 283 -5.64 15.39 13.39
CA ALA B 283 -7.02 15.82 13.27
C ALA B 283 -7.72 15.94 14.62
N PHE B 284 -7.30 15.09 15.59
CA PHE B 284 -7.93 15.07 16.89
C PHE B 284 -7.53 16.24 17.79
N ALA B 285 -6.63 17.10 17.30
CA ALA B 285 -6.36 18.39 17.92
C ALA B 285 -7.58 19.31 17.82
N ASP B 286 -8.42 19.10 16.81
CA ASP B 286 -9.68 19.81 16.69
C ASP B 286 -10.68 19.28 17.73
N PRO B 287 -11.14 20.12 18.68
CA PRO B 287 -12.05 19.65 19.73
C PRO B 287 -13.32 18.97 19.20
N GLN B 288 -13.83 19.46 18.07
CA GLN B 288 -15.04 18.92 17.47
C GLN B 288 -14.83 17.51 16.93
N VAL B 289 -13.69 17.27 16.30
CA VAL B 289 -13.34 15.96 15.77
C VAL B 289 -13.21 14.98 16.94
N ARG B 290 -12.52 15.40 18.00
CA ARG B 290 -12.31 14.56 19.17
C ARG B 290 -13.63 14.20 19.86
N GLU B 291 -14.57 15.14 19.86
CA GLU B 291 -15.86 14.95 20.51
C GLU B 291 -16.70 13.90 19.78
N ILE B 292 -16.62 13.91 18.44
CA ILE B 292 -17.33 12.94 17.62
C ILE B 292 -16.79 11.53 17.84
N PHE B 293 -15.46 11.39 17.77
CA PHE B 293 -14.82 10.09 17.89
C PHE B 293 -14.73 9.64 19.35
N ILE B 294 -15.83 9.11 19.88
CA ILE B 294 -15.88 8.58 21.23
C ILE B 294 -14.83 7.47 21.33
N HIS B 295 -13.97 7.57 22.35
CA HIS B 295 -12.80 6.71 22.46
C HIS B 295 -12.52 6.28 23.90
N ASP B 296 -11.74 5.21 24.03
CA ASP B 296 -11.28 4.72 25.33
C ASP B 296 -9.89 5.23 25.66
N TYR B 297 -9.11 5.62 24.64
CA TYR B 297 -7.82 6.23 24.83
C TYR B 297 -7.46 7.09 23.62
N GLN B 298 -6.87 8.26 23.88
CA GLN B 298 -6.33 9.11 22.84
C GLN B 298 -4.81 9.17 23.02
N ALA B 299 -4.08 8.71 21.99
CA ALA B 299 -2.63 8.67 22.04
C ALA B 299 -2.02 9.94 21.46
N ALA B 300 -0.98 10.44 22.14
CA ALA B 300 -0.16 11.53 21.62
C ALA B 300 0.84 10.99 20.60
N GLY B 301 1.39 9.79 20.89
CA GLY B 301 2.27 9.11 19.98
C GLY B 301 2.34 7.61 20.24
N LEU B 302 3.42 6.97 19.77
CA LEU B 302 3.60 5.54 19.92
C LEU B 302 4.01 5.11 21.32
N THR B 303 4.78 5.97 22.01
CA THR B 303 5.30 5.63 23.33
C THR B 303 4.18 5.44 24.35
N ASP B 304 3.30 6.44 24.47
CA ASP B 304 2.20 6.39 25.42
C ASP B 304 1.13 5.39 24.98
N PHE B 305 0.97 5.22 23.66
CA PHE B 305 0.16 4.14 23.12
C PHE B 305 0.64 2.78 23.62
N LEU B 306 1.96 2.55 23.53
CA LEU B 306 2.56 1.32 24.01
C LEU B 306 2.35 1.15 25.52
N ASP B 307 2.42 2.25 26.26
CA ASP B 307 2.13 2.24 27.69
C ASP B 307 0.68 1.84 27.96
N TYR B 308 -0.25 2.30 27.11
CA TYR B 308 -1.65 1.92 27.20
C TYR B 308 -1.81 0.41 26.97
N LEU B 309 -1.24 -0.10 25.87
CA LEU B 309 -1.32 -1.51 25.54
C LEU B 309 -0.82 -2.38 26.69
N ARG B 310 0.31 -2.00 27.29
CA ARG B 310 0.95 -2.78 28.33
C ARG B 310 0.11 -2.82 29.61
N ARG B 311 -0.59 -1.73 29.92
CA ARG B 311 -1.41 -1.67 31.13
C ARG B 311 -2.78 -2.31 30.90
N GLU B 312 -3.41 -2.03 29.74
CA GLU B 312 -4.77 -2.46 29.46
C GLU B 312 -4.85 -3.83 28.81
N PHE B 313 -3.79 -4.24 28.11
CA PHE B 313 -3.77 -5.52 27.41
C PHE B 313 -2.48 -6.29 27.67
N PRO B 314 -2.22 -6.77 28.91
CA PRO B 314 -0.97 -7.45 29.21
C PRO B 314 -0.74 -8.72 28.38
N THR B 315 0.53 -9.05 28.14
CA THR B 315 0.93 -10.34 27.61
C THR B 315 1.68 -11.07 28.72
N PRO B 316 1.61 -12.41 28.83
CA PRO B 316 2.28 -13.13 29.92
C PRO B 316 3.76 -12.78 30.05
N ALA B 317 4.09 -12.02 31.11
CA ALA B 317 5.46 -11.59 31.38
C ALA B 317 5.55 -10.99 32.79
CO B12 C . -13.58 -0.87 -7.44
N21 B12 C . -14.61 -0.81 -8.99
N22 B12 C . -14.30 0.88 -7.00
N23 B12 C . -12.42 -0.99 -5.90
N24 B12 C . -13.06 -2.53 -7.97
C1 B12 C . -14.31 -1.89 -9.96
C20 B12 C . -13.18 -1.39 -10.84
C2 B12 C . -15.67 -2.06 -10.74
C25 B12 C . -15.50 -2.52 -12.19
C26 B12 C . -16.67 -3.02 -10.02
C27 B12 C . -17.98 -3.23 -10.72
O28 B12 C . -18.86 -2.36 -10.69
N29 B12 C . -18.16 -4.38 -11.36
C3 B12 C . -16.25 -0.61 -10.61
C30 B12 C . -15.98 0.41 -11.73
C31 B12 C . -17.19 0.66 -12.64
C32 B12 C . -16.86 1.61 -13.77
O34 B12 C . -16.94 2.83 -13.61
N33 B12 C . -16.48 1.06 -14.92
C4 B12 C . -15.65 -0.13 -9.30
C5 B12 C . -16.16 0.86 -8.52
C35 B12 C . -17.52 1.43 -8.88
C6 B12 C . -15.51 1.36 -7.41
C7 B12 C . -16.02 2.41 -6.43
C36 B12 C . -16.72 3.60 -7.10
C37 B12 C . -16.95 1.71 -5.39
C38 B12 C . -17.46 2.55 -4.23
O39 B12 C . -16.77 2.76 -3.23
N40 B12 C . -18.69 3.05 -4.34
C8 B12 C . -14.69 2.85 -5.74
C41 B12 C . -13.92 4.00 -6.45
C42 B12 C . -12.49 4.21 -5.97
C43 B12 C . -11.68 5.10 -6.91
O44 B12 C . -11.14 4.62 -7.90
N45 B12 C . -11.62 6.39 -6.60
C9 B12 C . -13.94 1.54 -5.87
C10 B12 C . -13.06 1.14 -4.90
C11 B12 C . -12.38 -0.06 -4.90
C12 B12 C . -11.50 -0.54 -3.76
C46 B12 C . -12.37 -1.11 -2.63
C47 B12 C . -10.63 0.59 -3.20
C13 B12 C . -10.69 -1.68 -4.44
C48 B12 C . -9.26 -1.35 -4.94
C49 B12 C . -8.19 -1.69 -3.89
C50 B12 C . -6.75 -1.54 -4.31
O51 B12 C . -5.90 -1.18 -3.48
N52 B12 C . -6.41 -1.83 -5.56
C14 B12 C . -11.58 -2.03 -5.62
C15 B12 C . -11.54 -3.24 -6.34
C53 B12 C . -10.71 -4.37 -5.77
C16 B12 C . -12.20 -3.38 -7.53
C17 B12 C . -12.01 -4.50 -8.54
C54 B12 C . -12.45 -5.85 -7.93
C55 B12 C . -10.53 -4.52 -8.98
C56 B12 C . -9.97 -5.90 -9.28
C57 B12 C . -8.57 -5.86 -9.83
O58 B12 C . -7.71 -5.11 -9.38
N59 B12 C . -8.34 -6.74 -10.82
C18 B12 C . -12.91 -4.08 -9.75
C60 B12 C . -13.58 -5.22 -10.55
C61 B12 C . -13.09 -5.41 -11.98
O63 B12 C . -13.88 -5.75 -12.87
N62 B12 C . -11.80 -5.24 -12.22
C19 B12 C . -13.85 -3.06 -9.09
C1P B12 C . -7.00 -7.13 -11.24
C2P B12 C . -6.48 -6.46 -12.47
C3P B12 C . -5.16 -7.11 -12.81
O3 B12 C . -7.40 -6.64 -13.59
O4 B12 C . -7.80 -4.22 -14.13
O5 B12 C . -8.45 -6.08 -15.77
P B12 C . -7.52 -5.56 -14.73
O2 B12 C . -6.01 -5.54 -15.28
C3R B12 C . -5.58 -6.40 -16.33
C2R B12 C . -5.56 -5.71 -17.70
O7R B12 C . -6.44 -4.61 -17.76
C1R B12 C . -4.11 -5.28 -17.85
O6R B12 C . -3.35 -6.28 -17.18
C4R B12 C . -4.12 -6.83 -16.09
C5R B12 C . -3.92 -8.32 -16.06
O8R B12 C . -4.40 -8.94 -17.23
N1B B12 C . -3.74 -3.98 -17.30
C8B B12 C . -2.55 -3.34 -17.62
C2B B12 C . -4.39 -3.16 -16.44
N3B B12 C . -3.76 -2.06 -16.17
C9B B12 C . -2.57 -2.12 -16.91
C4B B12 C . -1.50 -1.23 -17.02
C5B B12 C . -0.43 -1.56 -17.83
C5M B12 C . 0.73 -0.60 -17.95
C6B B12 C . -0.42 -2.79 -18.55
C6M B12 C . 0.76 -3.14 -19.42
C7B B12 C . -1.49 -3.68 -18.44
C TRS D . -0.42 9.87 -4.56
C1 TRS D . -0.48 10.78 -5.79
C2 TRS D . 0.82 10.18 -3.74
C3 TRS D . -1.67 10.03 -3.71
N TRS D . -0.33 8.45 -5.04
O1 TRS D . 0.71 10.72 -6.56
O2 TRS D . 1.07 9.19 -2.75
O3 TRS D . -2.61 8.98 -3.91
O1 P6G E . -14.73 9.49 -6.93
C2 P6G E . -14.10 10.74 -6.77
C3 P6G E . -12.61 10.62 -6.72
O4 P6G E . -12.20 10.30 -5.39
C5 P6G E . -11.04 9.47 -5.35
C6 P6G E . -9.83 10.28 -4.97
O7 P6G E . -10.00 10.84 -3.67
C8 P6G E . -9.77 9.91 -2.61
C9 P6G E . -9.60 10.65 -1.32
O10 P6G E . -10.63 11.62 -1.19
C11 P6G E . -10.14 12.96 -1.10
C12 P6G E . -11.18 13.85 -0.47
O13 P6G E . -11.10 15.16 -1.03
C14 P6G E . -10.05 15.93 -0.45
C15 P6G E . -9.51 16.89 -1.47
O16 P6G E . -8.11 17.06 -1.27
C17 P6G E . -7.30 16.12 -1.97
C18 P6G E . -6.25 16.83 -2.75
O19 P6G E . -5.89 16.15 -3.94
O1 PG4 F . -2.16 -13.14 9.45
C1 PG4 F . -2.70 -11.85 9.69
C2 PG4 F . -3.85 -11.56 8.78
O2 PG4 F . -4.54 -10.39 9.25
C3 PG4 F . -5.59 -10.67 10.15
C4 PG4 F . -6.87 -10.96 9.40
O3 PG4 F . -7.67 -11.87 10.15
C5 PG4 F . -8.70 -12.47 9.38
C6 PG4 F . -8.13 -13.58 8.52
O4 PG4 F . -9.11 -14.60 8.33
C7 PG4 F . -9.07 -15.62 9.30
C8 PG4 F . -8.10 -16.69 8.90
O5 PG4 F . -7.58 -17.40 10.01
CO B12 G . -0.32 15.44 3.14
N21 B12 G . -0.81 16.84 4.29
N22 B12 G . -1.80 15.98 2.04
N23 B12 G . 0.28 13.99 2.08
N24 B12 G . 1.10 15.08 4.35
C1 B12 G . -0.02 16.89 5.55
C20 B12 G . -0.76 15.99 6.53
C2 B12 G . -0.05 18.42 5.94
C25 B12 G . -0.02 18.67 7.45
C26 B12 G . 1.06 19.28 5.27
C27 B12 G . 1.09 20.74 5.66
O28 B12 G . 0.26 21.53 5.20
N29 B12 G . 2.04 21.13 6.51
C3 B12 G . -1.40 18.86 5.28
C30 B12 G . -2.70 18.84 6.13
C31 B12 G . -2.92 20.12 6.94
C32 B12 G . -4.38 20.31 7.32
O34 B12 G . -5.01 21.28 6.89
N33 B12 G . -4.91 19.38 8.10
C4 B12 G . -1.51 17.91 4.10
C5 B12 G . -2.22 18.16 2.95
C35 B12 G . -2.83 19.55 2.77
C6 B12 G . -2.37 17.21 1.97
C7 B12 G . -3.12 17.36 0.64
C36 B12 G . -4.44 18.16 0.75
C37 B12 G . -2.15 18.00 -0.41
C38 B12 G . -2.72 18.30 -1.78
O39 B12 G . -3.24 19.39 -2.01
N40 B12 G . -2.62 17.35 -2.71
C8 B12 G . -3.38 15.88 0.28
C41 B12 G . -4.66 15.26 0.87
C42 B12 G . -4.81 13.75 0.66
C43 B12 G . -5.90 13.13 1.50
O44 B12 G . -5.69 12.84 2.69
N45 B12 G . -7.07 12.89 0.91
C9 B12 G . -2.15 15.28 0.94
C10 B12 G . -1.53 14.18 0.42
C11 B12 G . -0.39 13.61 0.93
C12 B12 G . 0.36 12.47 0.27
C46 B12 G . 1.25 13.02 -0.86
C47 B12 G . -0.62 11.45 -0.34
C13 B12 G . 1.21 11.91 1.44
C48 B12 G . 0.66 10.67 2.19
C49 B12 G . 1.13 9.35 1.56
C50 B12 G . 1.05 8.11 2.42
O51 B12 G . 1.14 6.99 1.89
N52 B12 G . 0.91 8.24 3.73
C14 B12 G . 1.26 13.08 2.40
C15 B12 G . 2.19 13.24 3.48
C53 B12 G . 3.34 12.23 3.57
C16 B12 G . 2.09 14.24 4.40
C17 B12 G . 3.07 14.65 5.51
C54 B12 G . 4.26 15.36 4.85
C55 B12 G . 3.60 13.54 6.45
C56 B12 G . 2.57 12.64 7.15
C57 B12 G . 3.11 11.25 7.39
O58 B12 G . 3.05 10.43 6.48
N59 B12 G . 3.65 10.92 8.57
C18 B12 G . 2.17 15.63 6.33
C60 B12 G . 2.94 16.59 7.28
C61 B12 G . 2.62 16.49 8.76
O63 B12 G . 2.65 17.51 9.48
N62 B12 G . 2.35 15.30 9.27
C19 B12 G . 1.33 16.27 5.21
C1P B12 G . 3.78 11.69 9.80
C2P B12 G . 3.20 10.90 10.97
C3P B12 G . 3.99 9.65 11.31
O3 B12 G . 3.16 11.76 12.14
O4 B12 G . 1.99 13.28 13.73
O5 B12 G . 0.72 12.18 11.79
P B12 G . 1.79 12.10 12.84
O2 B12 G . 1.56 10.77 13.70
C3R B12 G . 2.07 10.66 15.03
C2R B12 G . 1.01 10.90 16.12
O7R B12 G . -0.05 11.70 15.67
C1R B12 G . 0.58 9.48 16.49
O6R B12 G . 1.72 8.66 16.28
C4R B12 G . 2.57 9.24 15.26
C5R B12 G . 4.00 9.14 15.73
O8R B12 G . 4.19 9.89 16.92
N1B B12 G . -0.54 8.91 15.75
C8B B12 G . -1.30 7.84 16.21
C2B B12 G . -1.07 9.26 14.56
N3B B12 G . -2.10 8.53 14.19
C9B B12 G . -2.28 7.62 15.23
C4B B12 G . -3.21 6.59 15.39
C5B B12 G . -3.18 5.82 16.54
C5M B12 G . -4.19 4.71 16.71
C6B B12 G . -2.19 6.04 17.52
C6M B12 G . -2.15 5.18 18.75
C7B B12 G . -1.26 7.06 17.36
C TRS H . -10.21 1.25 1.27
C1 TRS H . -8.99 1.76 2.03
C2 TRS H . -11.25 0.68 2.23
C3 TRS H . -10.81 2.35 0.41
N TRS H . -9.77 0.13 0.36
O1 TRS H . -7.78 1.15 1.61
O2 TRS H . -11.78 1.69 3.08
O3 TRS H . -9.82 3.08 -0.30
C1 GOL I . 28.46 -0.58 15.37
O1 GOL I . 28.70 -1.99 15.27
C2 GOL I . 27.21 -0.18 14.61
O2 GOL I . 26.31 -1.29 14.53
C3 GOL I . 26.49 1.01 15.21
O3 GOL I . 27.10 2.24 14.84
#